data_9FH0
#
_entry.id   9FH0
#
_cell.length_a   1.00
_cell.length_b   1.00
_cell.length_c   1.00
_cell.angle_alpha   90.00
_cell.angle_beta   90.00
_cell.angle_gamma   90.00
#
_symmetry.space_group_name_H-M   'P 1'
#
loop_
_entity.id
_entity.type
_entity.pdbx_description
1 polymer '3,2-trans-enoyl-CoA isomerase'
2 polymer 'Peroxisomal targeting signal receptor'
#
loop_
_entity_poly.entity_id
_entity_poly.type
_entity_poly.pdbx_seq_one_letter_code
_entity_poly.pdbx_strand_id
1 'polypeptide(L)'
;MSQEIRQNEKISYRIEGPFFIIHLMNPDNLNALEGEDYIYLGELLELADRNRDVYFTIIQSSGRFFSSGADFKGIAKAQG
DDTNKYPSETSKWVSNFVARNVYVTDAFIKHSKVLICCLNGPAIGLSAALVALCDIVYSINDKVYLLYPFANLGLITEGG
TTVSLPLKFGTNTTYECLMFNKPFKYDIMCENGFISKNFNMPSSNAEAFNAKVLEELREKVKGLYLPSCLGMKKLLKSNH
IDAFNKANSVEVNESLKYWVDGEPLKRFRQLGSKQRKHRL
;
A
2 'polypeptide(L)'
;ADVGSCSVGNNPLAQLHKHTQQNKSLQFNQKNNGRLNESPLQGTNKPGISEAFISNVNAISQENMANMQRFINGEPLIDD
KRRMEIGPSSGRLPPFSNVHSLQTSANPTQIKGVNDISHWSQEFQGSNSIQNRNADTGNSEKAWQRGSTTASSRFQYPNT
MMNNYAYASMNSLSGSRLQSPAFMNQQQSGRSKEGVNEQEQQPWTDQFEKLEKEVSENLDINDEIEKEENVSEVEQNKPE
TVEKEEGVYGDQYQSDFQEVWDSIHKDAEEVLPSELVNDDLNLGEDYLKYLGGRVNGNIEYAFQSNNEYFNNPNAYKIGC
LLMENGAKLSEAALAFEAAVKEKPDHVDAWLRLGLVQTQNEKELNGISALEECLKLDPKNLEAMKTLAISYINEGYDMSA
FTMLDKWAETKYPEIWSRIKQQDDKFQKEKGFTHIDMNAHITKQFLQLANNLSTIDPEIQLCLGLLFYTKDDFDKTIDCF
ESALRVNPNDELMWNRLGASLANSNRSEEAIQAYHRALQLKPSFVRARYNLAVSSMNIGCFKEAAGYLLSVLSMHEVNTN
NKKGDVGSLLNTYNDTVIETLKRVFIAMNRDDLLQEVKPGMDLKRFKGEFSF
;
G
#
# COMPACT_ATOMS: atom_id res chain seq x y z
N GLU A 4 -33.13 8.59 -11.21
CA GLU A 4 -32.41 8.25 -9.98
C GLU A 4 -30.96 7.93 -10.27
N ILE A 5 -30.07 8.35 -9.39
CA ILE A 5 -28.65 8.06 -9.51
C ILE A 5 -28.32 6.85 -8.65
N ARG A 6 -27.36 6.05 -9.11
CA ARG A 6 -26.98 4.83 -8.43
C ARG A 6 -26.26 5.16 -7.12
N GLN A 7 -25.87 4.11 -6.39
CA GLN A 7 -25.18 4.24 -5.11
C GLN A 7 -23.72 3.92 -5.27
N ASN A 8 -22.89 4.59 -4.48
CA ASN A 8 -21.45 4.36 -4.47
C ASN A 8 -21.02 4.20 -3.03
N GLU A 9 -20.35 3.11 -2.72
CA GLU A 9 -19.91 2.92 -1.36
C GLU A 9 -18.71 3.80 -1.00
N LYS A 10 -18.26 4.64 -1.93
CA LYS A 10 -17.13 5.51 -1.70
C LYS A 10 -17.47 6.98 -1.74
N ILE A 11 -18.60 7.37 -2.31
CA ILE A 11 -19.02 8.76 -2.39
C ILE A 11 -20.50 8.83 -2.11
N SER A 12 -20.90 9.66 -1.16
CA SER A 12 -22.30 9.89 -0.87
C SER A 12 -22.61 11.36 -1.00
N TYR A 13 -23.85 11.73 -0.75
CA TYR A 13 -24.24 13.13 -0.84
C TYR A 13 -25.56 13.36 -0.13
N ARG A 14 -25.84 14.62 0.15
CA ARG A 14 -27.13 15.03 0.69
C ARG A 14 -27.41 16.47 0.29
N ILE A 15 -28.61 16.92 0.59
CA ILE A 15 -29.05 18.28 0.25
C ILE A 15 -29.59 18.93 1.51
N GLU A 16 -28.98 20.03 1.93
CA GLU A 16 -29.39 20.76 3.12
C GLU A 16 -29.65 22.21 2.75
N GLY A 17 -30.92 22.57 2.62
CA GLY A 17 -31.27 23.90 2.22
C GLY A 17 -30.74 24.20 0.83
N PRO A 18 -29.94 25.25 0.72
CA PRO A 18 -29.28 25.56 -0.56
C PRO A 18 -27.93 24.90 -0.76
N PHE A 19 -27.56 23.91 0.03
CA PHE A 19 -26.25 23.28 -0.08
C PHE A 19 -26.42 21.86 -0.60
N PHE A 20 -25.64 21.50 -1.60
CA PHE A 20 -25.53 20.13 -2.09
C PHE A 20 -24.17 19.64 -1.63
N ILE A 21 -24.16 18.70 -0.68
CA ILE A 21 -22.95 18.29 0.00
C ILE A 21 -22.52 16.93 -0.50
N ILE A 22 -21.27 16.81 -0.93
CA ILE A 22 -20.69 15.57 -1.43
C ILE A 22 -19.65 15.11 -0.42
N HIS A 23 -19.63 13.82 -0.13
CA HIS A 23 -18.77 13.29 0.92
C HIS A 23 -18.02 12.08 0.39
N LEU A 24 -16.71 12.14 0.40
CA LEU A 24 -15.87 11.00 0.05
C LEU A 24 -15.59 10.19 1.31
N MET A 25 -16.05 8.94 1.33
CA MET A 25 -16.09 8.19 2.58
C MET A 25 -15.34 6.86 2.51
N ASN A 26 -14.13 6.89 1.98
CA ASN A 26 -13.26 5.72 1.96
C ASN A 26 -11.94 6.06 2.64
N PRO A 27 -11.95 6.37 3.93
CA PRO A 27 -10.75 6.92 4.55
C PRO A 27 -9.62 5.95 4.66
N ASP A 28 -9.85 4.65 4.54
CA ASP A 28 -8.82 3.67 4.76
C ASP A 28 -7.94 3.42 3.55
N ASN A 29 -8.41 3.76 2.36
CA ASN A 29 -7.56 3.80 1.18
C ASN A 29 -7.18 5.21 0.81
N LEU A 30 -7.25 6.13 1.77
CA LEU A 30 -6.86 7.52 1.59
C LEU A 30 -7.70 8.21 0.53
N ASN A 31 -8.93 7.72 0.34
CA ASN A 31 -9.88 8.29 -0.61
C ASN A 31 -9.30 8.34 -2.02
N ALA A 32 -8.69 7.24 -2.43
CA ALA A 32 -8.24 7.11 -3.80
C ALA A 32 -9.40 6.66 -4.66
N LEU A 33 -9.52 7.24 -5.84
CA LEU A 33 -10.70 7.07 -6.69
C LEU A 33 -10.30 6.38 -7.97
N GLU A 34 -11.15 5.49 -8.44
CA GLU A 34 -10.91 4.81 -9.70
C GLU A 34 -11.53 5.63 -10.83
N GLY A 35 -11.56 5.07 -12.03
CA GLY A 35 -12.16 5.80 -13.14
C GLY A 35 -13.65 6.03 -12.95
N GLU A 36 -14.36 4.99 -12.55
CA GLU A 36 -15.79 5.12 -12.37
C GLU A 36 -16.14 6.02 -11.20
N ASP A 37 -15.25 6.20 -10.25
CA ASP A 37 -15.52 7.15 -9.17
C ASP A 37 -15.40 8.58 -9.66
N TYR A 38 -14.48 8.86 -10.57
CA TYR A 38 -14.42 10.18 -11.18
C TYR A 38 -15.64 10.41 -12.06
N ILE A 39 -16.10 9.40 -12.78
CA ILE A 39 -17.32 9.59 -13.55
C ILE A 39 -18.52 9.77 -12.63
N TYR A 40 -18.50 9.18 -11.44
CA TYR A 40 -19.58 9.37 -10.49
C TYR A 40 -19.56 10.78 -9.91
N LEU A 41 -18.38 11.34 -9.65
CA LEU A 41 -18.32 12.76 -9.30
C LEU A 41 -18.88 13.63 -10.41
N GLY A 42 -18.51 13.36 -11.65
CA GLY A 42 -19.09 14.10 -12.75
C GLY A 42 -20.59 14.07 -12.75
N GLU A 43 -21.17 12.89 -12.51
CA GLU A 43 -22.62 12.76 -12.45
C GLU A 43 -23.22 13.50 -11.26
N LEU A 44 -22.56 13.47 -10.11
CA LEU A 44 -23.08 14.20 -8.95
C LEU A 44 -23.08 15.69 -9.19
N LEU A 45 -22.05 16.20 -9.87
CA LEU A 45 -22.04 17.62 -10.20
C LEU A 45 -23.10 17.95 -11.24
N GLU A 46 -23.32 17.09 -12.21
CA GLU A 46 -24.44 17.32 -13.13
C GLU A 46 -25.77 17.29 -12.40
N LEU A 47 -25.86 16.57 -11.29
CA LEU A 47 -27.10 16.51 -10.53
C LEU A 47 -27.29 17.72 -9.65
N ALA A 48 -26.20 18.30 -9.16
CA ALA A 48 -26.29 19.55 -8.41
C ALA A 48 -26.60 20.72 -9.33
N ASP A 49 -26.08 20.68 -10.54
CA ASP A 49 -26.25 21.74 -11.50
C ASP A 49 -27.69 21.94 -11.94
N ARG A 50 -28.54 20.93 -11.82
CA ARG A 50 -29.91 21.05 -12.30
C ARG A 50 -30.94 21.25 -11.21
N ASN A 51 -30.56 21.13 -9.95
CA ASN A 51 -31.48 21.47 -8.87
C ASN A 51 -31.62 22.97 -8.79
N ARG A 52 -32.86 23.45 -8.79
CA ARG A 52 -33.08 24.89 -8.75
C ARG A 52 -33.03 25.45 -7.35
N ASP A 53 -32.92 24.61 -6.33
CA ASP A 53 -32.82 25.04 -4.95
C ASP A 53 -31.40 25.06 -4.44
N VAL A 54 -30.48 24.42 -5.13
CA VAL A 54 -29.08 24.40 -4.76
C VAL A 54 -28.41 25.66 -5.29
N TYR A 55 -27.52 26.24 -4.51
CA TYR A 55 -26.74 27.38 -4.94
C TYR A 55 -25.26 27.10 -4.71
N PHE A 56 -24.95 26.29 -3.71
CA PHE A 56 -23.57 25.95 -3.37
C PHE A 56 -23.38 24.45 -3.46
N THR A 57 -22.22 24.03 -3.96
CA THR A 57 -21.85 22.61 -4.05
C THR A 57 -20.58 22.41 -3.24
N ILE A 58 -20.64 21.57 -2.23
CA ILE A 58 -19.61 21.46 -1.22
C ILE A 58 -19.02 20.07 -1.22
N ILE A 59 -17.71 19.98 -1.36
CA ILE A 59 -17.03 18.69 -1.48
C ILE A 59 -16.22 18.48 -0.22
N GLN A 60 -16.60 17.48 0.56
CA GLN A 60 -15.96 17.16 1.82
C GLN A 60 -15.39 15.75 1.76
N SER A 61 -14.50 15.45 2.68
CA SER A 61 -13.78 14.19 2.65
C SER A 61 -13.69 13.64 4.07
N SER A 62 -12.90 12.60 4.25
CA SER A 62 -12.81 11.92 5.52
C SER A 62 -11.42 11.35 5.71
N GLY A 63 -11.00 11.27 6.96
CA GLY A 63 -9.72 10.69 7.28
C GLY A 63 -8.62 11.72 7.38
N ARG A 64 -7.40 11.32 7.06
CA ARG A 64 -6.26 12.21 7.13
C ARG A 64 -5.82 12.73 5.78
N PHE A 65 -6.36 12.20 4.70
CA PHE A 65 -6.10 12.69 3.36
C PHE A 65 -7.42 13.19 2.76
N PHE A 66 -7.33 14.23 1.94
CA PHE A 66 -8.48 14.58 1.13
C PHE A 66 -8.71 13.50 0.08
N SER A 67 -7.69 13.22 -0.70
CA SER A 67 -7.73 12.17 -1.69
C SER A 67 -6.31 11.94 -2.17
N SER A 68 -5.89 10.68 -2.22
CA SER A 68 -4.56 10.34 -2.67
C SER A 68 -4.48 10.16 -4.17
N GLY A 69 -5.50 10.59 -4.91
CA GLY A 69 -5.39 10.66 -6.34
C GLY A 69 -6.10 9.54 -7.05
N ALA A 70 -5.63 9.19 -8.24
CA ALA A 70 -6.19 8.04 -8.93
C ALA A 70 -5.75 6.76 -8.25
N ASP A 71 -6.54 5.72 -8.45
CA ASP A 71 -6.29 4.43 -7.84
C ASP A 71 -5.45 3.60 -8.81
N PHE A 72 -4.19 3.42 -8.48
CA PHE A 72 -3.29 2.63 -9.29
C PHE A 72 -3.18 1.19 -8.80
N LYS A 73 -4.12 0.77 -7.95
CA LYS A 73 -4.11 -0.59 -7.44
C LYS A 73 -4.30 -1.59 -8.57
N GLY A 74 -3.40 -2.56 -8.64
CA GLY A 74 -3.51 -3.60 -9.63
C GLY A 74 -3.08 -3.21 -11.02
N ILE A 75 -2.27 -2.16 -11.15
CA ILE A 75 -1.87 -1.71 -12.48
C ILE A 75 -0.62 -2.42 -12.99
N ALA A 76 0.21 -2.95 -12.10
CA ALA A 76 1.37 -3.72 -12.51
C ALA A 76 1.05 -5.19 -12.70
N LYS A 77 -0.15 -5.63 -12.34
CA LYS A 77 -0.54 -7.01 -12.57
C LYS A 77 -0.53 -7.31 -14.06
N ALA A 78 -0.09 -8.51 -14.41
CA ALA A 78 0.13 -8.86 -15.81
C ALA A 78 -1.06 -9.56 -16.44
N GLN A 79 -1.82 -10.33 -15.66
CA GLN A 79 -2.92 -11.14 -16.17
C GLN A 79 -2.51 -12.00 -17.36
N LYS A 85 -8.79 -7.00 -23.92
CA LYS A 85 -10.10 -6.83 -24.53
C LYS A 85 -10.12 -5.63 -25.47
N TYR A 86 -8.94 -5.16 -25.85
CA TYR A 86 -8.81 -4.02 -26.71
C TYR A 86 -7.90 -4.36 -27.89
N PRO A 87 -8.21 -3.86 -29.09
CA PRO A 87 -7.41 -4.22 -30.26
C PRO A 87 -6.03 -3.60 -30.32
N SER A 88 -5.72 -2.67 -29.43
CA SER A 88 -4.41 -2.02 -29.46
C SER A 88 -4.20 -1.35 -28.12
N GLU A 89 -3.02 -0.77 -27.95
CA GLU A 89 -2.76 -0.01 -26.73
C GLU A 89 -3.38 1.37 -26.81
N THR A 90 -3.44 1.94 -28.00
CA THR A 90 -4.10 3.22 -28.15
C THR A 90 -5.57 3.13 -27.80
N SER A 91 -6.24 2.09 -28.26
CA SER A 91 -7.66 1.97 -27.98
C SER A 91 -7.92 1.76 -26.50
N LYS A 92 -7.08 0.95 -25.86
CA LYS A 92 -7.20 0.70 -24.44
C LYS A 92 -7.05 1.98 -23.65
N TRP A 93 -6.03 2.76 -23.96
CA TRP A 93 -5.79 3.95 -23.18
C TRP A 93 -6.77 5.06 -23.51
N VAL A 94 -7.23 5.15 -24.75
CA VAL A 94 -8.31 6.06 -25.07
C VAL A 94 -9.47 5.79 -24.13
N SER A 95 -9.99 4.57 -24.15
CA SER A 95 -11.17 4.25 -23.38
C SER A 95 -10.96 4.37 -21.88
N ASN A 96 -9.77 4.06 -21.38
CA ASN A 96 -9.58 4.01 -19.93
C ASN A 96 -8.99 5.27 -19.33
N PHE A 97 -8.51 6.21 -20.11
CA PHE A 97 -7.97 7.42 -19.52
C PHE A 97 -8.55 8.68 -20.13
N VAL A 98 -8.69 8.73 -21.45
CA VAL A 98 -9.02 9.98 -22.10
C VAL A 98 -10.47 10.34 -21.83
N ALA A 99 -11.36 9.36 -21.95
CA ALA A 99 -12.76 9.61 -21.69
C ALA A 99 -12.98 10.10 -20.27
N ARG A 100 -12.42 9.40 -19.28
CA ARG A 100 -12.64 9.79 -17.90
C ARG A 100 -12.13 11.20 -17.63
N ASN A 101 -10.91 11.49 -18.05
CA ASN A 101 -10.34 12.79 -17.72
C ASN A 101 -11.09 13.92 -18.39
N VAL A 102 -11.36 13.79 -19.70
CA VAL A 102 -12.09 14.85 -20.38
C VAL A 102 -13.45 15.06 -19.73
N TYR A 103 -14.12 13.98 -19.34
CA TYR A 103 -15.46 14.13 -18.80
C TYR A 103 -15.45 14.82 -17.45
N VAL A 104 -14.66 14.32 -16.51
CA VAL A 104 -14.76 14.89 -15.16
C VAL A 104 -14.20 16.31 -15.14
N THR A 105 -13.16 16.59 -15.93
CA THR A 105 -12.64 17.95 -15.95
C THR A 105 -13.63 18.92 -16.56
N ASP A 106 -14.34 18.52 -17.62
CA ASP A 106 -15.33 19.43 -18.16
C ASP A 106 -16.51 19.59 -17.24
N ALA A 107 -16.88 18.54 -16.50
CA ALA A 107 -17.95 18.71 -15.52
C ALA A 107 -17.59 19.71 -14.46
N PHE A 108 -16.32 19.77 -14.08
CA PHE A 108 -15.92 20.77 -13.08
C PHE A 108 -15.74 22.15 -13.69
N ILE A 109 -15.34 22.25 -14.95
CA ILE A 109 -15.10 23.55 -15.55
C ILE A 109 -16.40 24.33 -15.67
N LYS A 110 -17.44 23.69 -16.17
CA LYS A 110 -18.67 24.35 -16.54
C LYS A 110 -19.69 24.44 -15.42
N HIS A 111 -19.34 24.03 -14.22
CA HIS A 111 -20.32 24.02 -13.12
C HIS A 111 -20.85 25.42 -12.90
N SER A 112 -22.15 25.51 -12.65
CA SER A 112 -22.79 26.81 -12.52
C SER A 112 -23.11 27.20 -11.09
N LYS A 113 -23.05 26.28 -10.15
CA LYS A 113 -23.21 26.58 -8.74
C LYS A 113 -21.84 26.85 -8.13
N VAL A 114 -21.83 27.44 -6.95
CA VAL A 114 -20.58 27.82 -6.32
C VAL A 114 -19.94 26.58 -5.69
N LEU A 115 -18.72 26.27 -6.12
CA LEU A 115 -18.01 25.08 -5.68
C LEU A 115 -17.11 25.44 -4.53
N ILE A 116 -17.29 24.76 -3.40
CA ILE A 116 -16.47 24.97 -2.21
C ILE A 116 -15.81 23.65 -1.87
N CYS A 117 -14.56 23.71 -1.45
CA CYS A 117 -13.78 22.53 -1.12
C CYS A 117 -13.28 22.64 0.30
N CYS A 118 -13.53 21.61 1.09
CA CYS A 118 -13.03 21.54 2.46
C CYS A 118 -11.87 20.55 2.47
N LEU A 119 -10.66 21.06 2.66
CA LEU A 119 -9.47 20.25 2.63
C LEU A 119 -9.17 19.75 4.03
N ASN A 120 -9.36 18.47 4.27
CA ASN A 120 -9.03 17.90 5.57
C ASN A 120 -7.63 17.32 5.59
N GLY A 121 -6.93 17.33 4.48
CA GLY A 121 -5.60 16.82 4.40
C GLY A 121 -5.06 17.03 3.02
N PRO A 122 -3.95 16.40 2.70
CA PRO A 122 -3.35 16.58 1.38
C PRO A 122 -4.21 16.02 0.26
N ALA A 123 -3.97 16.53 -0.94
CA ALA A 123 -4.60 16.05 -2.15
C ALA A 123 -3.52 15.79 -3.18
N ILE A 124 -3.68 14.77 -4.00
CA ILE A 124 -2.63 14.35 -4.92
C ILE A 124 -3.24 14.05 -6.28
N GLY A 125 -2.51 14.39 -7.33
CA GLY A 125 -2.85 13.87 -8.64
C GLY A 125 -4.01 14.57 -9.26
N LEU A 126 -4.94 13.80 -9.83
CA LEU A 126 -6.14 14.38 -10.42
C LEU A 126 -7.07 14.98 -9.39
N SER A 127 -7.02 14.51 -8.15
CA SER A 127 -7.86 15.12 -7.13
C SER A 127 -7.36 16.51 -6.76
N ALA A 128 -6.05 16.74 -6.77
CA ALA A 128 -5.56 18.09 -6.54
C ALA A 128 -5.87 18.99 -7.72
N ALA A 129 -5.90 18.41 -8.92
CA ALA A 129 -6.33 19.16 -10.08
C ALA A 129 -7.77 19.59 -9.94
N LEU A 130 -8.61 18.74 -9.35
CA LEU A 130 -10.00 19.12 -9.15
C LEU A 130 -10.16 20.07 -7.98
N VAL A 131 -9.29 20.01 -6.98
CA VAL A 131 -9.29 21.01 -5.92
C VAL A 131 -8.99 22.38 -6.48
N ALA A 132 -8.04 22.46 -7.40
CA ALA A 132 -7.66 23.76 -7.96
C ALA A 132 -8.68 24.30 -8.96
N LEU A 133 -9.77 23.60 -9.22
CA LEU A 133 -10.85 24.11 -10.03
C LEU A 133 -12.03 24.60 -9.20
N CYS A 134 -12.05 24.31 -7.91
CA CYS A 134 -13.09 24.80 -7.01
C CYS A 134 -12.89 26.28 -6.77
N ASP A 135 -13.99 26.95 -6.43
CA ASP A 135 -14.01 28.40 -6.32
C ASP A 135 -13.53 28.91 -4.98
N ILE A 136 -13.90 28.26 -3.89
CA ILE A 136 -13.46 28.62 -2.55
C ILE A 136 -12.88 27.38 -1.91
N VAL A 137 -11.83 27.55 -1.11
CA VAL A 137 -11.13 26.43 -0.49
C VAL A 137 -10.91 26.73 0.97
N TYR A 138 -11.29 25.81 1.84
CA TYR A 138 -11.04 25.89 3.27
C TYR A 138 -10.13 24.74 3.66
N SER A 139 -9.24 24.98 4.61
CA SER A 139 -8.32 23.97 5.07
C SER A 139 -8.54 23.71 6.55
N ILE A 140 -8.18 22.52 7.00
CA ILE A 140 -8.39 22.16 8.39
C ILE A 140 -7.28 22.72 9.25
N ASN A 141 -6.04 22.56 8.82
CA ASN A 141 -4.90 23.17 9.49
C ASN A 141 -3.86 23.48 8.43
N ASP A 142 -2.62 23.72 8.83
CA ASP A 142 -1.58 24.16 7.93
C ASP A 142 -0.66 23.03 7.52
N LYS A 143 -1.15 21.80 7.51
CA LYS A 143 -0.36 20.67 7.09
C LYS A 143 -0.86 20.11 5.78
N VAL A 144 -1.66 20.83 5.09
CA VAL A 144 -2.23 20.42 3.83
C VAL A 144 -1.30 20.84 2.72
N TYR A 145 -1.31 20.11 1.61
CA TYR A 145 -0.50 20.46 0.46
C TYR A 145 -1.13 19.84 -0.77
N LEU A 146 -0.63 20.22 -1.93
CA LEU A 146 -1.07 19.66 -3.19
C LEU A 146 0.15 19.14 -3.91
N LEU A 147 0.07 17.93 -4.45
CA LEU A 147 1.19 17.30 -5.11
C LEU A 147 0.75 16.81 -6.47
N TYR A 148 1.50 17.18 -7.50
CA TYR A 148 1.24 16.78 -8.88
C TYR A 148 2.48 16.04 -9.36
N PRO A 149 2.51 14.74 -9.21
CA PRO A 149 3.75 13.98 -9.39
C PRO A 149 3.97 13.47 -10.81
N PHE A 150 3.82 14.34 -11.79
CA PHE A 150 3.76 13.88 -13.18
C PHE A 150 5.13 13.53 -13.73
N ALA A 151 6.17 14.27 -13.39
CA ALA A 151 7.49 13.99 -13.93
C ALA A 151 8.10 12.73 -13.35
N ASN A 152 7.65 12.29 -12.19
CA ASN A 152 8.15 11.06 -11.61
C ASN A 152 7.46 9.83 -12.15
N LEU A 153 6.26 9.97 -12.70
CA LEU A 153 5.55 8.85 -13.28
C LEU A 153 5.67 8.78 -14.78
N GLY A 154 6.23 9.79 -15.43
CA GLY A 154 6.35 9.78 -16.85
C GLY A 154 5.15 10.33 -17.59
N LEU A 155 4.44 11.27 -16.99
CA LEU A 155 3.19 11.80 -17.56
C LEU A 155 3.27 13.31 -17.70
N ILE A 156 2.17 13.96 -18.03
CA ILE A 156 2.13 15.43 -18.09
C ILE A 156 0.87 15.92 -17.40
N THR A 157 0.62 17.21 -17.47
CA THR A 157 -0.45 17.84 -16.69
C THR A 157 -1.81 17.22 -16.98
N GLU A 158 -2.66 17.20 -15.96
CA GLU A 158 -4.00 16.67 -16.01
C GLU A 158 -4.97 17.69 -15.44
N GLY A 159 -6.25 17.45 -15.68
CA GLY A 159 -7.29 18.18 -15.00
C GLY A 159 -7.28 19.67 -15.21
N GLY A 160 -6.77 20.15 -16.34
CA GLY A 160 -6.72 21.57 -16.56
C GLY A 160 -5.70 22.32 -15.75
N THR A 161 -4.76 21.62 -15.12
CA THR A 161 -3.73 22.28 -14.35
C THR A 161 -2.84 23.15 -15.20
N THR A 162 -2.81 22.92 -16.51
CA THR A 162 -2.10 23.79 -17.42
C THR A 162 -2.53 25.24 -17.24
N VAL A 163 -3.82 25.47 -17.04
CA VAL A 163 -4.35 26.81 -16.94
C VAL A 163 -4.52 27.23 -15.49
N SER A 164 -4.94 26.32 -14.63
CA SER A 164 -5.28 26.69 -13.27
C SER A 164 -4.08 26.80 -12.37
N LEU A 165 -2.99 26.12 -12.65
CA LEU A 165 -1.90 26.24 -11.70
C LEU A 165 -1.16 27.56 -11.87
N PRO A 166 -0.82 28.00 -13.09
CA PRO A 166 -0.25 29.34 -13.21
C PRO A 166 -1.23 30.45 -12.89
N LEU A 167 -2.51 30.22 -13.08
CA LEU A 167 -3.50 31.25 -12.80
C LEU A 167 -3.60 31.52 -11.32
N LYS A 168 -3.47 30.49 -10.49
CA LYS A 168 -3.70 30.64 -9.07
C LYS A 168 -2.44 30.66 -8.25
N PHE A 169 -1.30 30.23 -8.80
CA PHE A 169 -0.06 30.19 -8.03
C PHE A 169 1.09 30.96 -8.64
N GLY A 170 1.02 31.33 -9.90
CA GLY A 170 2.11 32.02 -10.54
C GLY A 170 2.83 31.13 -11.55
N THR A 171 3.55 31.78 -12.45
CA THR A 171 4.22 31.03 -13.50
C THR A 171 5.52 30.42 -13.00
N ASN A 172 6.34 31.21 -12.32
CA ASN A 172 7.62 30.70 -11.84
C ASN A 172 7.44 29.63 -10.77
N THR A 173 6.48 29.84 -9.88
CA THR A 173 6.16 28.82 -8.88
C THR A 173 5.72 27.52 -9.54
N THR A 174 4.84 27.62 -10.52
CA THR A 174 4.37 26.43 -11.20
C THR A 174 5.50 25.69 -11.88
N TYR A 175 6.41 26.42 -12.54
CA TYR A 175 7.51 25.75 -13.20
C TYR A 175 8.40 25.04 -12.20
N GLU A 176 8.77 25.71 -11.12
CA GLU A 176 9.65 25.09 -10.14
C GLU A 176 9.01 23.89 -9.48
N CYS A 177 7.69 23.89 -9.30
CA CYS A 177 7.05 22.77 -8.64
C CYS A 177 6.67 21.64 -9.59
N LEU A 178 6.46 21.91 -10.87
CA LEU A 178 6.10 20.84 -11.78
C LEU A 178 7.29 20.23 -12.51
N MET A 179 8.29 21.03 -12.87
CA MET A 179 9.44 20.45 -13.53
C MET A 179 10.22 19.54 -12.61
N PHE A 180 10.24 19.85 -11.32
CA PHE A 180 11.05 19.10 -10.37
C PHE A 180 10.24 18.31 -9.38
N ASN A 181 8.92 18.28 -9.53
CA ASN A 181 8.05 17.40 -8.75
C ASN A 181 8.13 17.73 -7.27
N LYS A 182 7.66 18.91 -6.93
CA LYS A 182 7.60 19.38 -5.56
C LYS A 182 6.15 19.67 -5.19
N PRO A 183 5.83 19.75 -3.91
CA PRO A 183 4.46 20.06 -3.51
C PRO A 183 4.19 21.55 -3.39
N PHE A 184 2.94 21.91 -3.63
CA PHE A 184 2.46 23.26 -3.34
C PHE A 184 2.11 23.29 -1.86
N LYS A 185 3.11 23.59 -1.04
CA LYS A 185 2.94 23.55 0.40
C LYS A 185 1.96 24.62 0.85
N TYR A 186 1.72 24.67 2.16
CA TYR A 186 0.66 25.53 2.66
C TYR A 186 1.04 27.00 2.61
N ASP A 187 2.31 27.33 2.78
CA ASP A 187 2.67 28.74 2.76
C ASP A 187 2.60 29.31 1.36
N ILE A 188 2.89 28.52 0.34
CA ILE A 188 2.63 28.95 -1.03
C ILE A 188 1.15 29.19 -1.24
N MET A 189 0.32 28.34 -0.66
CA MET A 189 -1.12 28.50 -0.78
C MET A 189 -1.59 29.77 -0.09
N CYS A 190 -0.95 30.14 1.01
CA CYS A 190 -1.30 31.36 1.73
C CYS A 190 -0.70 32.62 1.13
N GLU A 191 0.41 32.52 0.42
CA GLU A 191 0.96 33.70 -0.24
C GLU A 191 0.14 34.13 -1.43
N ASN A 192 -0.56 33.21 -2.07
CA ASN A 192 -1.36 33.51 -3.24
C ASN A 192 -2.84 33.59 -2.93
N GLY A 193 -3.21 33.55 -1.66
CA GLY A 193 -4.62 33.64 -1.32
C GLY A 193 -5.44 32.48 -1.79
N PHE A 194 -4.84 31.31 -1.94
CA PHE A 194 -5.57 30.13 -2.37
C PHE A 194 -6.59 29.70 -1.32
N ILE A 195 -6.23 29.77 -0.05
CA ILE A 195 -7.07 29.30 1.04
C ILE A 195 -7.78 30.49 1.67
N SER A 196 -9.10 30.39 1.76
CA SER A 196 -9.93 31.50 2.23
C SER A 196 -10.07 31.54 3.73
N LYS A 197 -10.01 30.40 4.40
CA LYS A 197 -9.90 30.38 5.85
C LYS A 197 -9.22 29.10 6.29
N ASN A 198 -8.42 29.22 7.34
CA ASN A 198 -7.74 28.08 7.96
C ASN A 198 -8.38 27.85 9.31
N PHE A 199 -9.08 26.72 9.45
CA PHE A 199 -9.86 26.51 10.65
C PHE A 199 -9.02 26.07 11.83
N ASN A 200 -7.79 25.64 11.59
CA ASN A 200 -6.81 25.36 12.65
C ASN A 200 -7.36 24.37 13.68
N MET A 201 -7.62 23.16 13.21
CA MET A 201 -8.19 22.12 14.03
C MET A 201 -7.21 20.97 14.15
N PRO A 202 -7.39 20.06 15.09
CA PRO A 202 -6.54 18.86 15.12
C PRO A 202 -6.81 18.01 13.90
N SER A 203 -5.74 17.50 13.31
CA SER A 203 -5.87 16.79 12.04
C SER A 203 -6.56 15.46 12.18
N SER A 204 -6.95 15.06 13.37
CA SER A 204 -7.52 13.73 13.58
C SER A 204 -9.02 13.69 13.39
N ASN A 205 -9.71 14.82 13.50
CA ASN A 205 -11.16 14.85 13.45
C ASN A 205 -11.60 15.67 12.25
N ALA A 206 -11.88 14.98 11.15
CA ALA A 206 -12.42 15.64 9.97
C ALA A 206 -13.92 15.82 10.05
N GLU A 207 -14.60 15.06 10.91
CA GLU A 207 -16.04 15.23 11.04
C GLU A 207 -16.38 16.54 11.72
N ALA A 208 -15.66 16.89 12.78
CA ALA A 208 -15.88 18.17 13.42
C ALA A 208 -15.54 19.32 12.50
N PHE A 209 -14.49 19.16 11.68
CA PHE A 209 -14.13 20.20 10.73
C PHE A 209 -15.21 20.38 9.68
N ASN A 210 -15.72 19.29 9.11
CA ASN A 210 -16.79 19.40 8.13
C ASN A 210 -18.01 20.08 8.73
N ALA A 211 -18.41 19.67 9.94
CA ALA A 211 -19.57 20.27 10.58
C ALA A 211 -19.36 21.75 10.83
N LYS A 212 -18.16 22.13 11.27
CA LYS A 212 -17.88 23.52 11.54
C LYS A 212 -17.94 24.36 10.28
N VAL A 213 -17.40 23.83 9.18
CA VAL A 213 -17.47 24.56 7.92
C VAL A 213 -18.92 24.78 7.51
N LEU A 214 -19.75 23.75 7.61
CA LEU A 214 -21.14 23.92 7.19
C LEU A 214 -21.87 24.92 8.07
N GLU A 215 -21.59 24.91 9.37
CA GLU A 215 -22.23 25.87 10.26
C GLU A 215 -21.84 27.30 9.93
N GLU A 216 -20.55 27.53 9.71
CA GLU A 216 -20.10 28.87 9.37
C GLU A 216 -20.66 29.33 8.03
N LEU A 217 -20.72 28.43 7.04
CA LEU A 217 -21.35 28.76 5.79
C LEU A 217 -22.80 29.15 5.98
N ARG A 218 -23.52 28.43 6.83
CA ARG A 218 -24.92 28.76 7.04
C ARG A 218 -25.07 30.13 7.63
N GLU A 219 -24.14 30.52 8.49
CA GLU A 219 -24.20 31.88 9.03
C GLU A 219 -23.92 32.92 7.97
N LYS A 220 -23.00 32.64 7.04
CA LYS A 220 -22.58 33.68 6.10
C LYS A 220 -23.65 34.02 5.08
N VAL A 221 -24.57 33.11 4.78
CA VAL A 221 -25.49 33.31 3.67
C VAL A 221 -26.78 33.93 4.13
N LYS A 222 -26.78 34.53 5.31
CA LYS A 222 -27.98 35.11 5.87
C LYS A 222 -28.20 36.52 5.33
N GLY A 223 -29.36 36.74 4.73
CA GLY A 223 -29.71 38.05 4.23
C GLY A 223 -29.31 38.33 2.81
N LEU A 224 -28.49 37.47 2.20
CA LEU A 224 -28.06 37.70 0.84
C LEU A 224 -29.12 37.27 -0.15
N TYR A 225 -29.13 37.93 -1.29
CA TYR A 225 -29.87 37.45 -2.44
C TYR A 225 -29.00 36.43 -3.14
N LEU A 226 -29.45 35.20 -3.17
CA LEU A 226 -28.62 34.12 -3.69
C LEU A 226 -28.60 34.04 -5.22
N PRO A 227 -29.70 34.33 -5.91
CA PRO A 227 -29.59 34.46 -7.36
C PRO A 227 -28.51 35.41 -7.78
N SER A 228 -28.20 36.38 -6.94
CA SER A 228 -27.14 37.32 -7.22
C SER A 228 -25.80 36.63 -7.20
N CYS A 229 -25.58 35.72 -6.25
CA CYS A 229 -24.35 34.95 -6.23
C CYS A 229 -24.21 34.14 -7.50
N LEU A 230 -25.29 33.50 -7.94
CA LEU A 230 -25.19 32.68 -9.15
C LEU A 230 -24.94 33.53 -10.39
N GLY A 231 -25.52 34.72 -10.48
CA GLY A 231 -25.24 35.58 -11.62
C GLY A 231 -23.83 36.12 -11.63
N MET A 232 -23.33 36.54 -10.48
CA MET A 232 -21.96 37.00 -10.40
C MET A 232 -20.99 35.89 -10.77
N LYS A 233 -21.30 34.64 -10.41
CA LYS A 233 -20.40 33.57 -10.84
C LYS A 233 -20.49 33.36 -12.34
N LYS A 234 -21.70 33.43 -12.90
CA LYS A 234 -21.84 33.30 -14.35
C LYS A 234 -20.96 34.29 -15.08
N LEU A 235 -20.85 35.50 -14.55
CA LEU A 235 -20.05 36.52 -15.20
C LEU A 235 -18.56 36.35 -14.93
N LEU A 236 -18.19 36.01 -13.70
CA LEU A 236 -16.79 35.83 -13.37
C LEU A 236 -16.18 34.62 -14.04
N LYS A 237 -17.00 33.66 -14.45
CA LYS A 237 -16.46 32.47 -15.10
C LYS A 237 -16.01 32.75 -16.52
N SER A 238 -16.60 33.71 -17.18
CA SER A 238 -16.33 33.98 -18.58
C SER A 238 -15.02 34.55 -18.82
N ASN A 239 -14.16 34.65 -17.82
CA ASN A 239 -12.81 35.13 -18.05
C ASN A 239 -11.96 34.06 -18.72
N HIS A 240 -11.86 32.90 -18.08
CA HIS A 240 -10.96 31.85 -18.54
C HIS A 240 -11.68 30.60 -19.01
N ILE A 241 -12.92 30.70 -19.43
CA ILE A 241 -13.63 29.49 -19.83
C ILE A 241 -13.04 28.91 -21.11
N ASP A 242 -12.61 29.77 -22.03
CA ASP A 242 -12.06 29.28 -23.30
C ASP A 242 -10.69 28.68 -23.10
N ALA A 243 -9.85 29.31 -22.29
CA ALA A 243 -8.55 28.75 -21.97
C ALA A 243 -8.70 27.36 -21.38
N PHE A 244 -9.64 27.19 -20.46
CA PHE A 244 -9.83 25.91 -19.81
C PHE A 244 -10.32 24.85 -20.77
N ASN A 245 -11.28 25.18 -21.64
CA ASN A 245 -11.76 24.20 -22.60
C ASN A 245 -10.65 23.76 -23.55
N LYS A 246 -9.90 24.71 -24.08
CA LYS A 246 -8.80 24.40 -24.98
C LYS A 246 -7.77 23.51 -24.31
N ALA A 247 -7.36 23.87 -23.08
CA ALA A 247 -6.39 23.07 -22.35
C ALA A 247 -6.91 21.67 -22.11
N ASN A 248 -8.18 21.53 -21.75
CA ASN A 248 -8.76 20.21 -21.51
C ASN A 248 -8.56 19.31 -22.73
N SER A 249 -9.01 19.79 -23.87
CA SER A 249 -8.92 18.99 -25.09
C SER A 249 -7.47 18.65 -25.43
N VAL A 250 -6.55 19.58 -25.22
CA VAL A 250 -5.17 19.34 -25.62
C VAL A 250 -4.48 18.37 -24.68
N GLU A 251 -4.72 18.51 -23.37
CA GLU A 251 -4.06 17.67 -22.39
C GLU A 251 -4.44 16.21 -22.54
N VAL A 252 -5.74 15.93 -22.66
CA VAL A 252 -6.08 14.51 -22.66
C VAL A 252 -5.56 13.79 -23.88
N ASN A 253 -5.27 14.50 -24.95
CA ASN A 253 -4.74 13.86 -26.15
C ASN A 253 -3.23 13.89 -26.21
N GLU A 254 -2.58 14.78 -25.46
CA GLU A 254 -1.14 14.76 -25.40
C GLU A 254 -0.61 13.78 -24.37
N SER A 255 -1.40 13.44 -23.37
CA SER A 255 -0.93 12.46 -22.40
C SER A 255 -1.10 11.03 -22.88
N LEU A 256 -1.93 10.84 -23.91
CA LEU A 256 -2.12 9.53 -24.48
C LEU A 256 -0.83 8.98 -25.07
N LYS A 257 0.01 9.84 -25.64
CA LYS A 257 1.24 9.36 -26.23
C LYS A 257 2.22 8.90 -25.16
N TYR A 258 2.15 9.47 -23.96
CA TYR A 258 3.00 9.03 -22.87
C TYR A 258 2.52 7.69 -22.34
N TRP A 259 1.21 7.50 -22.28
CA TRP A 259 0.72 6.21 -21.85
C TRP A 259 1.07 5.12 -22.85
N VAL A 260 0.90 5.41 -24.15
CA VAL A 260 1.11 4.41 -25.18
C VAL A 260 2.58 4.12 -25.38
N ASP A 261 3.45 5.12 -25.15
CA ASP A 261 4.88 4.89 -25.27
C ASP A 261 5.32 3.74 -24.40
N GLY A 262 5.04 3.81 -23.11
CA GLY A 262 5.27 2.68 -22.23
C GLY A 262 6.06 3.02 -20.99
N GLU A 263 6.36 4.29 -20.78
CA GLU A 263 7.14 4.68 -19.64
C GLU A 263 6.36 4.67 -18.33
N PRO A 264 5.13 5.19 -18.25
CA PRO A 264 4.44 5.17 -16.96
C PRO A 264 4.28 3.77 -16.41
N LEU A 265 3.94 2.82 -17.27
CA LEU A 265 3.69 1.46 -16.79
C LEU A 265 4.98 0.78 -16.40
N LYS A 266 6.07 1.07 -17.10
CA LYS A 266 7.38 0.55 -16.73
C LYS A 266 7.82 1.09 -15.37
N ARG A 267 7.59 2.36 -15.12
CA ARG A 267 7.93 2.93 -13.82
C ARG A 267 7.05 2.38 -12.73
N PHE A 268 5.78 2.12 -13.03
CA PHE A 268 4.91 1.49 -12.06
C PHE A 268 5.40 0.10 -11.71
N ARG A 269 5.81 -0.67 -12.71
CA ARG A 269 6.31 -2.01 -12.43
C ARG A 269 7.55 -1.97 -11.56
N GLN A 270 8.50 -1.11 -11.88
CA GLN A 270 9.67 -1.09 -11.02
C GLN A 270 9.46 -0.31 -9.75
N LEU A 271 8.29 0.26 -9.52
CA LEU A 271 7.97 0.80 -8.21
C LEU A 271 7.66 -0.31 -7.24
N GLY A 272 6.75 -1.20 -7.61
CA GLY A 272 6.39 -2.31 -6.77
C GLY A 272 7.15 -3.55 -7.11
N SER A 273 8.47 -3.45 -7.09
CA SER A 273 9.36 -4.56 -7.40
C SER A 273 10.57 -4.52 -6.48
N LYS A 274 10.33 -4.36 -5.17
CA LYS A 274 11.38 -4.15 -4.20
C LYS A 274 11.52 -5.30 -3.22
N GLN A 275 11.38 -6.55 -3.70
CA GLN A 275 11.54 -7.68 -2.80
C GLN A 275 12.93 -7.69 -2.20
N ARG A 276 13.03 -8.18 -0.98
CA ARG A 276 14.28 -8.16 -0.26
C ARG A 276 15.06 -9.45 -0.51
N LYS A 277 16.36 -9.40 -0.20
CA LYS A 277 17.25 -10.49 -0.54
C LYS A 277 17.06 -11.68 0.41
N HIS A 278 17.22 -11.45 1.70
CA HIS A 278 17.00 -12.46 2.72
C HIS A 278 15.61 -12.31 3.33
N ARG A 279 15.18 -13.33 4.04
CA ARG A 279 13.79 -13.43 4.47
C ARG A 279 13.66 -13.35 5.98
N LEU A 280 12.58 -12.72 6.43
CA LEU A 280 12.32 -12.43 7.83
C LEU A 280 13.33 -11.46 8.44
N LEU B 276 6.72 16.43 15.15
CA LEU B 276 7.66 16.59 14.05
C LEU B 276 7.22 15.86 12.79
N VAL B 277 6.02 15.31 12.83
CA VAL B 277 5.45 14.61 11.69
C VAL B 277 4.47 15.52 10.98
N ASN B 278 4.44 15.44 9.65
CA ASN B 278 3.48 16.21 8.87
C ASN B 278 2.27 15.36 8.52
N ASP B 279 2.50 14.19 7.96
CA ASP B 279 1.47 13.23 7.57
C ASP B 279 2.17 11.93 7.24
N ASP B 280 1.39 10.91 6.94
CA ASP B 280 1.94 9.82 6.16
C ASP B 280 2.10 10.29 4.73
N LEU B 281 3.10 9.76 4.05
CA LEU B 281 3.61 10.16 2.75
C LEU B 281 4.52 11.38 2.82
N ASN B 282 4.68 12.04 3.97
CA ASN B 282 5.81 12.91 4.27
C ASN B 282 6.03 14.02 3.23
N LEU B 283 4.99 14.83 3.02
CA LEU B 283 5.08 15.99 2.12
C LEU B 283 5.54 15.58 0.73
N GLY B 284 4.85 14.63 0.14
CA GLY B 284 5.36 14.07 -1.09
C GLY B 284 6.59 13.26 -0.76
N GLU B 285 7.31 12.87 -1.79
CA GLU B 285 8.59 12.16 -1.68
C GLU B 285 8.46 10.82 -0.98
N ASP B 286 7.26 10.52 -0.48
CA ASP B 286 6.88 9.17 -0.09
C ASP B 286 5.64 8.71 -0.83
N TYR B 287 5.18 9.47 -1.82
CA TYR B 287 4.09 9.01 -2.66
C TYR B 287 4.48 7.76 -3.41
N LEU B 288 5.54 7.83 -4.20
CA LEU B 288 6.27 6.62 -4.55
C LEU B 288 6.76 6.03 -3.25
N LYS B 289 6.77 4.69 -3.17
CA LYS B 289 6.93 3.92 -1.94
C LYS B 289 5.63 3.80 -1.18
N TYR B 290 4.60 4.57 -1.53
CA TYR B 290 3.24 4.22 -1.18
C TYR B 290 2.53 3.56 -2.34
N LEU B 291 2.90 3.93 -3.55
CA LEU B 291 2.42 3.23 -4.74
C LEU B 291 3.05 1.87 -4.87
N GLY B 292 4.21 1.66 -4.27
CA GLY B 292 4.82 0.34 -4.34
C GLY B 292 3.96 -0.73 -3.72
N GLY B 293 3.31 -0.42 -2.61
CA GLY B 293 2.46 -1.36 -1.94
C GLY B 293 1.10 -1.55 -2.57
N ARG B 294 0.85 -0.99 -3.74
CA ARG B 294 -0.49 -1.02 -4.32
C ARG B 294 -0.50 -1.50 -5.76
N VAL B 295 0.56 -1.24 -6.51
CA VAL B 295 0.49 -1.44 -7.95
C VAL B 295 0.30 -2.91 -8.29
N ASN B 296 0.85 -3.81 -7.49
CA ASN B 296 0.76 -5.23 -7.79
C ASN B 296 -0.60 -5.81 -7.50
N GLY B 297 -1.38 -5.19 -6.63
CA GLY B 297 -2.70 -5.68 -6.32
C GLY B 297 -2.65 -6.78 -5.28
N ASN B 298 -3.72 -7.58 -5.26
CA ASN B 298 -3.85 -8.73 -4.39
C ASN B 298 -4.06 -9.97 -5.25
N ILE B 299 -3.29 -10.99 -4.99
CA ILE B 299 -3.47 -12.27 -5.68
C ILE B 299 -4.35 -13.16 -4.82
N GLU B 300 -5.22 -13.93 -5.46
CA GLU B 300 -6.06 -14.87 -4.74
C GLU B 300 -5.27 -16.14 -4.43
N TYR B 301 -5.67 -16.83 -3.38
CA TYR B 301 -4.95 -18.02 -2.98
C TYR B 301 -5.04 -19.07 -4.07
N ALA B 302 -3.89 -19.64 -4.42
CA ALA B 302 -3.79 -20.65 -5.47
C ALA B 302 -3.75 -22.02 -4.81
N PHE B 303 -4.87 -22.73 -4.86
CA PHE B 303 -4.98 -24.03 -4.22
C PHE B 303 -4.19 -25.07 -5.01
N GLN B 304 -4.23 -26.32 -4.52
CA GLN B 304 -3.52 -27.43 -5.13
C GLN B 304 -4.51 -28.44 -5.67
N SER B 305 -4.11 -29.13 -6.74
CA SER B 305 -4.99 -30.01 -7.49
C SER B 305 -5.04 -31.43 -6.95
N ASN B 306 -3.91 -31.98 -6.50
CA ASN B 306 -3.86 -33.30 -5.89
C ASN B 306 -3.73 -33.11 -4.39
N ASN B 307 -4.85 -33.06 -3.69
CA ASN B 307 -4.87 -32.81 -2.25
C ASN B 307 -5.73 -33.91 -1.63
N GLU B 308 -5.11 -35.04 -1.33
CA GLU B 308 -5.81 -36.26 -0.94
C GLU B 308 -6.76 -36.06 0.23
N TYR B 309 -6.69 -34.91 0.89
CA TYR B 309 -7.56 -34.60 2.01
C TYR B 309 -8.84 -33.89 1.61
N PHE B 310 -9.17 -33.89 0.31
CA PHE B 310 -10.28 -33.09 -0.20
C PHE B 310 -11.56 -33.23 0.59
N ASN B 311 -11.77 -34.37 1.26
CA ASN B 311 -12.99 -34.54 2.04
C ASN B 311 -12.76 -35.26 3.36
N ASN B 312 -11.53 -35.31 3.86
CA ASN B 312 -11.31 -35.95 5.15
C ASN B 312 -11.84 -35.05 6.25
N PRO B 313 -12.96 -35.41 6.89
CA PRO B 313 -13.57 -34.49 7.87
C PRO B 313 -12.68 -34.18 9.05
N ASN B 314 -11.55 -34.89 9.18
CA ASN B 314 -10.54 -34.58 10.17
C ASN B 314 -9.36 -33.85 9.56
N ALA B 315 -9.51 -33.29 8.35
CA ALA B 315 -8.39 -32.65 7.66
C ALA B 315 -7.78 -31.55 8.49
N TYR B 316 -8.61 -30.75 9.16
CA TYR B 316 -8.07 -29.72 10.04
C TYR B 316 -7.32 -30.33 11.20
N LYS B 317 -7.87 -31.38 11.82
CA LYS B 317 -7.18 -32.05 12.89
C LYS B 317 -5.86 -32.64 12.41
N ILE B 318 -5.87 -33.24 11.22
CA ILE B 318 -4.65 -33.82 10.67
C ILE B 318 -3.62 -32.73 10.41
N GLY B 319 -4.07 -31.57 9.93
CA GLY B 319 -3.15 -30.47 9.71
C GLY B 319 -2.53 -29.99 10.99
N CYS B 320 -3.35 -29.83 12.03
CA CYS B 320 -2.81 -29.40 13.32
C CYS B 320 -1.78 -30.41 13.83
N LEU B 321 -2.10 -31.70 13.71
CA LEU B 321 -1.18 -32.69 14.24
C LEU B 321 0.09 -32.79 13.42
N LEU B 322 0.01 -32.51 12.11
CA LEU B 322 1.22 -32.43 11.31
C LEU B 322 2.07 -31.25 11.72
N MET B 323 1.43 -30.09 11.95
CA MET B 323 2.15 -28.91 12.38
C MET B 323 2.86 -29.15 13.71
N GLU B 324 2.23 -29.91 14.60
CA GLU B 324 2.82 -30.09 15.92
C GLU B 324 3.86 -31.18 15.97
N ASN B 325 3.69 -32.26 15.19
CA ASN B 325 4.56 -33.42 15.27
C ASN B 325 5.80 -33.28 14.39
N GLY B 326 6.14 -32.07 13.97
CA GLY B 326 7.33 -31.86 13.18
C GLY B 326 7.32 -32.58 11.84
N ALA B 327 6.14 -32.81 11.27
CA ALA B 327 6.02 -33.51 10.00
C ALA B 327 6.47 -32.57 8.88
N LYS B 328 6.27 -32.99 7.64
CA LYS B 328 6.56 -32.11 6.52
C LYS B 328 5.65 -30.90 6.56
N LEU B 329 6.15 -29.76 6.05
CA LEU B 329 5.29 -28.58 5.99
C LEU B 329 4.40 -28.59 4.75
N SER B 330 4.84 -29.22 3.67
CA SER B 330 3.99 -29.30 2.49
C SER B 330 2.72 -30.09 2.77
N GLU B 331 2.83 -31.16 3.57
CA GLU B 331 1.66 -31.97 3.86
C GLU B 331 0.70 -31.26 4.80
N ALA B 332 1.24 -30.63 5.85
CA ALA B 332 0.39 -29.80 6.70
C ALA B 332 -0.31 -28.73 5.88
N ALA B 333 0.40 -28.15 4.92
CA ALA B 333 -0.20 -27.15 4.06
C ALA B 333 -1.35 -27.74 3.27
N LEU B 334 -1.18 -28.96 2.76
CA LEU B 334 -2.27 -29.60 2.02
C LEU B 334 -3.47 -29.88 2.90
N ALA B 335 -3.23 -30.33 4.13
CA ALA B 335 -4.34 -30.58 5.04
C ALA B 335 -5.11 -29.30 5.32
N PHE B 336 -4.40 -28.18 5.44
CA PHE B 336 -5.12 -26.95 5.69
C PHE B 336 -5.80 -26.43 4.43
N GLU B 337 -5.23 -26.70 3.26
CA GLU B 337 -5.95 -26.48 2.02
C GLU B 337 -7.32 -27.13 2.09
N ALA B 338 -7.33 -28.41 2.47
CA ALA B 338 -8.59 -29.13 2.58
C ALA B 338 -9.52 -28.49 3.60
N ALA B 339 -8.99 -28.16 4.78
CA ALA B 339 -9.83 -27.62 5.84
C ALA B 339 -10.45 -26.27 5.45
N VAL B 340 -9.72 -25.45 4.69
CA VAL B 340 -10.26 -24.16 4.27
C VAL B 340 -11.09 -24.27 3.00
N LYS B 341 -11.03 -25.41 2.31
CA LYS B 341 -11.95 -25.66 1.22
C LYS B 341 -13.18 -26.43 1.65
N GLU B 342 -13.27 -26.78 2.94
CA GLU B 342 -14.46 -27.44 3.48
C GLU B 342 -15.38 -26.49 4.22
N LYS B 343 -14.85 -25.41 4.77
CA LYS B 343 -15.65 -24.43 5.47
C LYS B 343 -14.93 -23.10 5.43
N PRO B 344 -15.23 -22.25 4.46
CA PRO B 344 -14.44 -21.03 4.30
C PRO B 344 -14.80 -19.97 5.32
N ASP B 345 -14.93 -20.38 6.57
CA ASP B 345 -15.06 -19.45 7.68
C ASP B 345 -14.21 -19.86 8.86
N HIS B 346 -13.51 -20.99 8.78
CA HIS B 346 -12.68 -21.45 9.89
C HIS B 346 -11.44 -20.59 9.99
N VAL B 347 -11.53 -19.52 10.78
CA VAL B 347 -10.46 -18.52 10.82
C VAL B 347 -9.15 -19.17 11.18
N ASP B 348 -9.15 -20.03 12.19
CA ASP B 348 -7.91 -20.67 12.60
C ASP B 348 -7.31 -21.52 11.49
N ALA B 349 -8.14 -22.06 10.60
CA ALA B 349 -7.61 -22.82 9.47
C ALA B 349 -6.83 -21.93 8.52
N TRP B 350 -7.41 -20.78 8.15
CA TRP B 350 -6.68 -19.82 7.34
C TRP B 350 -5.40 -19.36 8.04
N LEU B 351 -5.48 -19.11 9.34
CA LEU B 351 -4.29 -18.66 10.05
C LEU B 351 -3.18 -19.68 9.97
N ARG B 352 -3.49 -20.94 10.24
CA ARG B 352 -2.45 -21.96 10.23
C ARG B 352 -1.96 -22.22 8.81
N LEU B 353 -2.82 -22.07 7.81
CA LEU B 353 -2.37 -22.23 6.43
C LEU B 353 -1.37 -21.15 6.06
N GLY B 354 -1.62 -19.90 6.47
CA GLY B 354 -0.65 -18.86 6.25
C GLY B 354 0.65 -19.09 7.02
N LEU B 355 0.54 -19.54 8.26
CA LEU B 355 1.72 -19.82 9.06
C LEU B 355 2.60 -20.86 8.40
N VAL B 356 1.99 -21.95 7.90
CA VAL B 356 2.83 -22.98 7.30
C VAL B 356 3.33 -22.54 5.93
N GLN B 357 2.54 -21.76 5.19
CA GLN B 357 2.97 -21.39 3.85
C GLN B 357 4.11 -20.41 3.87
N THR B 358 4.20 -19.56 4.90
CA THR B 358 5.31 -18.62 4.93
C THR B 358 6.60 -19.26 5.42
N GLN B 359 6.51 -20.27 6.27
CA GLN B 359 7.69 -21.03 6.65
C GLN B 359 8.06 -22.08 5.63
N ASN B 360 7.21 -22.31 4.64
CA ASN B 360 7.49 -23.20 3.52
C ASN B 360 8.09 -22.46 2.34
N GLU B 361 8.35 -21.16 2.50
CA GLU B 361 8.93 -20.28 1.50
C GLU B 361 7.95 -19.99 0.38
N LYS B 362 6.67 -19.90 0.65
CA LYS B 362 5.70 -19.47 -0.34
C LYS B 362 5.02 -18.21 0.17
N GLU B 363 5.61 -17.06 -0.17
CA GLU B 363 5.19 -15.81 0.43
C GLU B 363 3.84 -15.34 -0.09
N LEU B 364 3.53 -15.61 -1.35
CA LEU B 364 2.26 -15.14 -1.89
C LEU B 364 1.09 -15.94 -1.35
N ASN B 365 1.24 -17.26 -1.27
CA ASN B 365 0.20 -18.07 -0.65
C ASN B 365 0.05 -17.74 0.82
N GLY B 366 1.16 -17.53 1.51
CA GLY B 366 1.08 -17.14 2.90
C GLY B 366 0.37 -15.82 3.10
N ILE B 367 0.76 -14.82 2.32
CA ILE B 367 0.12 -13.51 2.43
C ILE B 367 -1.36 -13.61 2.11
N SER B 368 -1.73 -14.40 1.11
CA SER B 368 -3.13 -14.55 0.76
C SER B 368 -3.92 -15.17 1.90
N ALA B 369 -3.40 -16.27 2.47
CA ALA B 369 -4.11 -16.94 3.55
C ALA B 369 -4.25 -16.03 4.75
N LEU B 370 -3.19 -15.34 5.13
CA LEU B 370 -3.25 -14.46 6.29
C LEU B 370 -4.19 -13.30 6.05
N GLU B 371 -4.25 -12.78 4.82
CA GLU B 371 -5.18 -11.72 4.52
C GLU B 371 -6.61 -12.21 4.66
N GLU B 372 -6.91 -13.41 4.16
CA GLU B 372 -8.23 -13.98 4.32
C GLU B 372 -8.60 -14.11 5.79
N CYS B 373 -7.71 -14.70 6.58
CA CYS B 373 -7.94 -14.84 8.02
C CYS B 373 -8.24 -13.50 8.67
N LEU B 374 -7.43 -12.48 8.38
CA LEU B 374 -7.66 -11.18 9.00
C LEU B 374 -8.95 -10.55 8.54
N LYS B 375 -9.39 -10.85 7.32
CA LYS B 375 -10.64 -10.27 6.84
C LYS B 375 -11.84 -10.93 7.51
N LEU B 376 -11.73 -12.22 7.80
CA LEU B 376 -12.76 -12.87 8.62
C LEU B 376 -12.71 -12.38 10.06
N ASP B 377 -11.53 -12.46 10.69
CA ASP B 377 -11.36 -12.08 12.09
C ASP B 377 -10.51 -10.82 12.14
N PRO B 378 -11.10 -9.64 12.15
CA PRO B 378 -10.31 -8.42 12.01
C PRO B 378 -9.56 -8.02 13.27
N LYS B 379 -9.57 -8.86 14.29
CA LYS B 379 -8.81 -8.54 15.50
C LYS B 379 -7.83 -9.63 15.85
N ASN B 380 -7.48 -10.50 14.92
CA ASN B 380 -6.48 -11.51 15.19
C ASN B 380 -5.13 -10.84 15.45
N LEU B 381 -4.36 -11.40 16.37
CA LEU B 381 -3.06 -10.82 16.68
C LEU B 381 -1.95 -11.46 15.85
N GLU B 382 -1.84 -12.79 15.92
CA GLU B 382 -0.76 -13.46 15.23
C GLU B 382 -0.87 -13.31 13.71
N ALA B 383 -2.10 -13.20 13.19
CA ALA B 383 -2.25 -12.91 11.78
C ALA B 383 -1.66 -11.56 11.42
N MET B 384 -2.00 -10.53 12.19
CA MET B 384 -1.44 -9.21 11.96
C MET B 384 0.08 -9.25 11.98
N LYS B 385 0.65 -9.96 12.96
CA LYS B 385 2.10 -9.98 13.11
C LYS B 385 2.78 -10.66 11.94
N THR B 386 2.36 -11.90 11.64
CA THR B 386 2.97 -12.63 10.54
C THR B 386 2.77 -11.90 9.22
N LEU B 387 1.63 -11.24 9.04
CA LEU B 387 1.40 -10.51 7.80
C LEU B 387 2.29 -9.28 7.70
N ALA B 388 2.54 -8.60 8.81
CA ALA B 388 3.47 -7.47 8.75
C ALA B 388 4.88 -7.93 8.42
N ILE B 389 5.28 -9.10 8.92
CA ILE B 389 6.59 -9.62 8.57
C ILE B 389 6.66 -9.98 7.09
N SER B 390 5.62 -10.60 6.56
CA SER B 390 5.63 -10.92 5.13
C SER B 390 5.65 -9.66 4.28
N TYR B 391 4.87 -8.64 4.67
CA TYR B 391 4.92 -7.38 3.94
C TYR B 391 6.33 -6.82 3.92
N ILE B 392 7.00 -6.83 5.07
CA ILE B 392 8.39 -6.37 5.11
C ILE B 392 9.25 -7.19 4.17
N ASN B 393 9.00 -8.49 4.07
CA ASN B 393 9.77 -9.32 3.16
C ASN B 393 9.56 -8.93 1.72
N GLU B 394 8.33 -8.57 1.35
CA GLU B 394 8.04 -8.22 -0.03
C GLU B 394 8.38 -6.78 -0.37
N GLY B 395 8.75 -5.97 0.61
CA GLY B 395 9.07 -4.60 0.33
C GLY B 395 7.94 -3.62 0.49
N TYR B 396 6.78 -4.07 0.97
CA TYR B 396 5.66 -3.17 1.24
C TYR B 396 5.79 -2.64 2.67
N ASP B 397 6.74 -1.73 2.85
CA ASP B 397 7.05 -1.29 4.20
C ASP B 397 5.91 -0.50 4.82
N MET B 398 5.17 0.28 4.03
CA MET B 398 4.13 1.11 4.61
C MET B 398 2.92 0.30 5.04
N SER B 399 2.55 -0.72 4.26
CA SER B 399 1.52 -1.65 4.70
C SER B 399 1.93 -2.35 5.98
N ALA B 400 3.21 -2.68 6.10
CA ALA B 400 3.70 -3.29 7.33
C ALA B 400 3.59 -2.32 8.50
N PHE B 401 3.85 -1.03 8.24
CA PHE B 401 3.71 -0.03 9.29
C PHE B 401 2.26 0.06 9.77
N THR B 402 1.32 0.10 8.83
CA THR B 402 -0.08 0.17 9.24
C THR B 402 -0.48 -1.08 10.01
N MET B 403 0.00 -2.25 9.57
CA MET B 403 -0.36 -3.46 10.27
C MET B 403 0.21 -3.50 11.68
N LEU B 404 1.42 -2.98 11.87
CA LEU B 404 2.00 -2.96 13.21
C LEU B 404 1.30 -1.94 14.11
N ASP B 405 0.94 -0.79 13.55
CA ASP B 405 0.12 0.17 14.27
C ASP B 405 -1.18 -0.47 14.73
N LYS B 406 -1.82 -1.21 13.83
CA LYS B 406 -3.11 -1.82 14.14
C LYS B 406 -2.97 -2.92 15.18
N TRP B 407 -1.91 -3.72 15.09
CA TRP B 407 -1.64 -4.72 16.10
C TRP B 407 -1.46 -4.06 17.45
N ALA B 408 -0.75 -2.95 17.50
CA ALA B 408 -0.56 -2.26 18.77
C ALA B 408 -1.87 -1.80 19.35
N GLU B 409 -2.67 -1.09 18.56
CA GLU B 409 -3.89 -0.52 19.10
C GLU B 409 -4.97 -1.57 19.36
N THR B 410 -4.83 -2.78 18.82
CA THR B 410 -5.75 -3.85 19.18
C THR B 410 -5.20 -4.74 20.29
N LYS B 411 -3.94 -4.60 20.65
CA LYS B 411 -3.34 -5.36 21.73
C LYS B 411 -3.28 -4.60 23.05
N TYR B 412 -2.94 -3.32 23.00
CA TYR B 412 -2.90 -2.45 24.18
C TYR B 412 -3.72 -1.20 23.87
N PRO B 413 -5.05 -1.33 23.84
CA PRO B 413 -5.86 -0.26 23.23
C PRO B 413 -5.82 1.04 23.99
N GLU B 414 -5.90 1.02 25.32
CA GLU B 414 -5.95 2.27 26.07
C GLU B 414 -4.60 2.97 26.10
N ILE B 415 -3.53 2.21 26.40
CA ILE B 415 -2.20 2.79 26.40
C ILE B 415 -1.89 3.39 25.03
N TRP B 416 -2.15 2.64 23.97
CA TRP B 416 -1.86 3.12 22.62
C TRP B 416 -2.75 4.31 22.28
N SER B 417 -4.00 4.30 22.73
CA SER B 417 -4.91 5.40 22.42
C SER B 417 -4.41 6.70 23.03
N ARG B 418 -3.96 6.65 24.28
CA ARG B 418 -3.45 7.88 24.88
C ARG B 418 -2.01 8.18 24.48
N ILE B 419 -1.28 7.21 23.91
CA ILE B 419 -0.02 7.53 23.26
C ILE B 419 -0.27 8.31 21.99
N LYS B 420 -1.28 7.92 21.23
CA LYS B 420 -1.51 8.46 19.91
C LYS B 420 -2.11 9.86 19.94
N GLN B 421 -2.64 10.29 21.07
CA GLN B 421 -3.28 11.60 21.18
C GLN B 421 -2.31 12.72 21.53
N GLN B 422 -1.03 12.42 21.72
CA GLN B 422 -0.09 13.50 22.02
C GLN B 422 0.18 14.38 20.81
N ASP B 423 -0.15 13.91 19.61
CA ASP B 423 0.15 14.63 18.37
C ASP B 423 1.63 14.97 18.29
N THR B 433 6.97 18.26 10.40
CA THR B 433 7.34 18.28 8.99
C THR B 433 8.73 17.71 8.80
N HIS B 434 9.25 17.11 9.86
CA HIS B 434 10.61 16.56 9.89
C HIS B 434 10.64 15.04 9.83
N ILE B 435 9.64 14.37 10.38
CA ILE B 435 9.67 12.93 10.60
C ILE B 435 8.79 12.24 9.57
N ASP B 436 9.20 11.06 9.15
CA ASP B 436 8.41 10.24 8.25
C ASP B 436 7.73 9.11 9.02
N MET B 437 7.10 8.19 8.30
CA MET B 437 6.26 7.20 8.95
C MET B 437 7.10 6.26 9.83
N ASN B 438 8.23 5.81 9.31
CA ASN B 438 9.04 4.83 10.04
C ASN B 438 9.48 5.38 11.39
N ALA B 439 10.02 6.60 11.41
CA ALA B 439 10.48 7.19 12.67
C ALA B 439 9.32 7.42 13.62
N HIS B 440 8.18 7.87 13.10
CA HIS B 440 7.03 8.13 13.94
C HIS B 440 6.58 6.87 14.66
N ILE B 441 6.44 5.77 13.92
CA ILE B 441 5.95 4.55 14.53
C ILE B 441 7.02 3.91 15.40
N THR B 442 8.29 4.11 15.07
CA THR B 442 9.35 3.65 15.96
C THR B 442 9.29 4.36 17.30
N LYS B 443 9.10 5.68 17.28
CA LYS B 443 8.99 6.42 18.54
C LYS B 443 7.75 5.99 19.32
N GLN B 444 6.64 5.77 18.62
CA GLN B 444 5.44 5.30 19.31
C GLN B 444 5.67 3.95 19.98
N PHE B 445 6.31 3.02 19.27
CA PHE B 445 6.56 1.71 19.87
C PHE B 445 7.57 1.79 21.01
N LEU B 446 8.58 2.65 20.90
CA LEU B 446 9.49 2.84 22.02
C LEU B 446 8.72 3.30 23.25
N GLN B 447 7.90 4.34 23.09
CA GLN B 447 7.19 4.87 24.24
C GLN B 447 6.21 3.84 24.79
N LEU B 448 5.58 3.05 23.93
CA LEU B 448 4.73 1.97 24.41
C LEU B 448 5.54 0.96 25.20
N ALA B 449 6.76 0.66 24.75
CA ALA B 449 7.58 -0.31 25.47
C ALA B 449 7.96 0.22 26.85
N ASN B 450 8.15 1.52 26.98
CA ASN B 450 8.50 2.07 28.29
C ASN B 450 7.31 2.16 29.23
N ASN B 451 6.09 2.30 28.72
CA ASN B 451 4.94 2.45 29.59
C ASN B 451 4.32 1.10 29.96
N LEU B 452 5.15 0.19 30.48
CA LEU B 452 4.68 -1.05 31.07
C LEU B 452 5.82 -1.66 31.86
N SER B 453 5.44 -2.41 32.90
CA SER B 453 6.37 -2.82 33.95
C SER B 453 7.04 -4.16 33.67
N THR B 454 7.15 -4.56 32.41
CA THR B 454 7.81 -5.80 32.03
C THR B 454 8.69 -5.52 30.83
N ILE B 455 9.21 -6.58 30.23
CA ILE B 455 9.91 -6.50 28.95
C ILE B 455 9.32 -7.54 28.01
N ASP B 456 8.02 -7.81 28.18
CA ASP B 456 7.38 -8.91 27.49
C ASP B 456 7.63 -8.81 25.99
N PRO B 457 8.12 -9.88 25.36
CA PRO B 457 8.53 -9.81 23.95
C PRO B 457 7.32 -9.74 23.04
N GLU B 458 7.55 -9.85 21.73
CA GLU B 458 6.61 -9.55 20.68
C GLU B 458 6.35 -8.06 20.58
N ILE B 459 6.93 -7.26 21.47
CA ILE B 459 7.09 -5.83 21.26
C ILE B 459 8.52 -5.50 20.87
N GLN B 460 9.50 -6.20 21.44
CA GLN B 460 10.86 -6.08 20.95
C GLN B 460 10.98 -6.59 19.52
N LEU B 461 10.13 -7.54 19.14
CA LEU B 461 10.13 -8.03 17.77
C LEU B 461 9.76 -6.92 16.81
N CYS B 462 8.66 -6.20 17.10
CA CYS B 462 8.24 -5.14 16.19
C CYS B 462 9.23 -3.99 16.16
N LEU B 463 9.86 -3.68 17.30
CA LEU B 463 10.94 -2.72 17.29
C LEU B 463 12.06 -3.18 16.36
N GLY B 464 12.43 -4.45 16.44
CA GLY B 464 13.43 -4.97 15.53
C GLY B 464 13.02 -4.82 14.08
N LEU B 465 11.74 -5.04 13.78
CA LEU B 465 11.27 -4.95 12.41
C LEU B 465 11.31 -3.52 11.90
N LEU B 466 10.94 -2.56 12.75
CA LEU B 466 11.02 -1.16 12.36
C LEU B 466 12.44 -0.73 12.09
N PHE B 467 13.35 -1.02 13.02
CA PHE B 467 14.75 -0.73 12.78
C PHE B 467 15.26 -1.44 11.53
N TYR B 468 14.82 -2.69 11.32
CA TYR B 468 15.25 -3.46 10.17
C TYR B 468 14.90 -2.74 8.87
N THR B 469 13.67 -2.26 8.76
CA THR B 469 13.31 -1.53 7.56
C THR B 469 14.07 -0.21 7.45
N LYS B 470 14.45 0.41 8.58
CA LYS B 470 15.24 1.64 8.48
C LYS B 470 16.63 1.41 7.93
N ASP B 471 17.12 0.16 7.93
CA ASP B 471 18.47 -0.24 7.53
C ASP B 471 19.54 0.11 8.55
N ASP B 472 19.21 0.15 9.83
CA ASP B 472 20.23 0.21 10.87
C ASP B 472 20.18 -1.14 11.58
N PHE B 473 20.95 -2.09 11.05
CA PHE B 473 20.77 -3.48 11.43
C PHE B 473 21.31 -3.80 12.80
N ASP B 474 22.12 -2.94 13.40
CA ASP B 474 22.68 -3.30 14.70
C ASP B 474 21.66 -3.12 15.83
N LYS B 475 20.80 -2.12 15.74
CA LYS B 475 19.70 -2.05 16.69
C LYS B 475 18.80 -3.27 16.56
N THR B 476 18.56 -3.71 15.32
CA THR B 476 17.79 -4.92 15.09
C THR B 476 18.48 -6.13 15.71
N ILE B 477 19.79 -6.22 15.56
CA ILE B 477 20.52 -7.37 16.10
C ILE B 477 20.43 -7.36 17.62
N ASP B 478 20.61 -6.20 18.24
CA ASP B 478 20.45 -6.10 19.68
C ASP B 478 19.07 -6.56 20.11
N CYS B 479 18.03 -6.11 19.39
CA CYS B 479 16.67 -6.45 19.77
C CYS B 479 16.40 -7.94 19.65
N PHE B 480 16.86 -8.56 18.58
CA PHE B 480 16.59 -9.98 18.38
C PHE B 480 17.42 -10.84 19.32
N GLU B 481 18.69 -10.48 19.54
CA GLU B 481 19.51 -11.21 20.50
C GLU B 481 18.98 -11.06 21.92
N SER B 482 18.32 -9.94 22.23
CA SER B 482 17.70 -9.78 23.53
C SER B 482 16.42 -10.60 23.62
N ALA B 483 15.64 -10.63 22.54
CA ALA B 483 14.42 -11.41 22.54
C ALA B 483 14.69 -12.90 22.53
N LEU B 484 15.92 -13.30 22.20
CA LEU B 484 16.27 -14.70 22.29
C LEU B 484 16.75 -15.11 23.68
N ARG B 485 17.42 -14.23 24.42
CA ARG B 485 17.84 -14.62 25.76
C ARG B 485 16.65 -14.92 26.65
N VAL B 486 15.53 -14.22 26.44
CA VAL B 486 14.32 -14.50 27.21
C VAL B 486 13.61 -15.77 26.75
N ASN B 487 13.98 -16.32 25.60
CA ASN B 487 13.40 -17.57 25.12
C ASN B 487 14.24 -18.16 24.00
N PRO B 488 15.41 -18.74 24.30
CA PRO B 488 16.32 -19.13 23.22
C PRO B 488 15.92 -20.42 22.54
N ASN B 489 14.70 -20.89 22.77
CA ASN B 489 14.24 -22.15 22.21
C ASN B 489 13.26 -21.90 21.07
N ASP B 490 13.57 -20.90 20.23
CA ASP B 490 12.75 -20.48 19.11
C ASP B 490 13.41 -20.85 17.80
N GLU B 491 12.62 -20.97 16.74
CA GLU B 491 13.24 -21.12 15.42
C GLU B 491 13.07 -19.88 14.57
N LEU B 492 11.91 -19.24 14.63
CA LEU B 492 11.70 -18.05 13.83
C LEU B 492 12.61 -16.92 14.27
N MET B 493 12.89 -16.80 15.56
CA MET B 493 13.78 -15.74 16.01
C MET B 493 15.21 -16.01 15.58
N TRP B 494 15.63 -17.28 15.56
CA TRP B 494 16.95 -17.58 15.05
C TRP B 494 17.04 -17.30 13.56
N ASN B 495 15.97 -17.58 12.81
CA ASN B 495 15.98 -17.26 11.40
C ASN B 495 15.94 -15.75 11.14
N ARG B 496 15.21 -14.99 11.95
CA ARG B 496 15.23 -13.55 11.81
C ARG B 496 16.58 -12.97 12.19
N LEU B 497 17.26 -13.57 13.15
CA LEU B 497 18.62 -13.17 13.44
C LEU B 497 19.53 -13.47 12.28
N GLY B 498 19.37 -14.63 11.66
CA GLY B 498 20.15 -14.94 10.48
C GLY B 498 19.95 -13.95 9.35
N ALA B 499 18.70 -13.56 9.11
CA ALA B 499 18.44 -12.59 8.05
C ALA B 499 19.00 -11.21 8.39
N SER B 500 18.82 -10.77 9.63
CA SER B 500 19.34 -9.46 10.01
C SER B 500 20.85 -9.42 9.88
N LEU B 501 21.53 -10.50 10.29
CA LEU B 501 22.98 -10.55 10.13
C LEU B 501 23.36 -10.55 8.66
N ALA B 502 22.82 -11.48 7.88
CA ALA B 502 23.19 -11.60 6.48
C ALA B 502 22.94 -10.33 5.71
N ASN B 503 21.99 -9.49 6.13
CA ASN B 503 21.87 -8.19 5.50
C ASN B 503 23.05 -7.29 5.82
N SER B 504 23.71 -7.51 6.95
CA SER B 504 24.81 -6.66 7.39
C SER B 504 26.16 -7.22 6.98
N ASN B 505 26.19 -8.22 6.11
CA ASN B 505 27.41 -8.83 5.56
C ASN B 505 28.19 -9.62 6.61
N ARG B 506 27.51 -10.13 7.63
CA ARG B 506 28.13 -11.05 8.58
C ARG B 506 27.72 -12.48 8.22
N SER B 507 28.21 -12.94 7.08
CA SER B 507 27.67 -14.19 6.52
C SER B 507 27.99 -15.39 7.39
N GLU B 508 29.10 -15.39 8.11
CA GLU B 508 29.43 -16.53 8.95
C GLU B 508 28.41 -16.71 10.07
N GLU B 509 28.15 -15.64 10.81
CA GLU B 509 27.13 -15.69 11.85
C GLU B 509 25.76 -15.98 11.27
N ALA B 510 25.50 -15.52 10.04
CA ALA B 510 24.25 -15.85 9.37
C ALA B 510 24.12 -17.35 9.18
N ILE B 511 25.16 -17.98 8.62
CA ILE B 511 25.17 -19.43 8.47
C ILE B 511 24.92 -20.10 9.79
N GLN B 512 25.54 -19.59 10.85
CA GLN B 512 25.43 -20.27 12.13
C GLN B 512 24.01 -20.18 12.68
N ALA B 513 23.38 -19.02 12.55
CA ALA B 513 22.01 -18.88 13.04
C ALA B 513 21.04 -19.70 12.20
N TYR B 514 21.26 -19.80 10.89
CA TYR B 514 20.44 -20.68 10.08
C TYR B 514 20.60 -22.13 10.49
N HIS B 515 21.84 -22.55 10.79
CA HIS B 515 22.05 -23.91 11.25
C HIS B 515 21.34 -24.14 12.58
N ARG B 516 21.33 -23.13 13.45
CA ARG B 516 20.62 -23.25 14.71
C ARG B 516 19.12 -23.43 14.48
N ALA B 517 18.52 -22.55 13.67
CA ALA B 517 17.11 -22.67 13.35
C ALA B 517 16.79 -24.05 12.82
N LEU B 518 17.64 -24.56 11.93
CA LEU B 518 17.40 -25.89 11.36
C LEU B 518 17.57 -26.97 12.42
N GLN B 519 18.45 -26.76 13.38
CA GLN B 519 18.58 -27.73 14.46
C GLN B 519 17.30 -27.81 15.26
N LEU B 520 16.63 -26.68 15.47
CA LEU B 520 15.40 -26.72 16.24
C LEU B 520 14.21 -27.20 15.42
N LYS B 521 14.28 -27.14 14.08
CA LYS B 521 13.17 -27.54 13.24
C LYS B 521 13.63 -27.94 11.85
N PRO B 522 13.79 -29.23 11.56
CA PRO B 522 14.30 -29.65 10.25
C PRO B 522 13.34 -29.43 9.11
N SER B 523 12.08 -29.12 9.38
CA SER B 523 11.09 -28.89 8.34
C SER B 523 11.06 -27.46 7.84
N PHE B 524 11.90 -26.60 8.39
CA PHE B 524 11.83 -25.16 8.17
C PHE B 524 12.55 -24.82 6.87
N VAL B 525 11.79 -24.60 5.81
CA VAL B 525 12.36 -24.40 4.48
C VAL B 525 12.86 -22.98 4.30
N ARG B 526 12.20 -22.01 4.93
CA ARG B 526 12.67 -20.64 4.94
C ARG B 526 14.15 -20.57 5.31
N ALA B 527 14.53 -21.30 6.35
CA ALA B 527 15.91 -21.23 6.83
C ALA B 527 16.87 -21.91 5.85
N ARG B 528 16.45 -23.00 5.22
CA ARG B 528 17.31 -23.63 4.23
C ARG B 528 17.55 -22.69 3.06
N TYR B 529 16.50 -22.02 2.60
CA TYR B 529 16.67 -21.09 1.50
C TYR B 529 17.63 -19.96 1.86
N ASN B 530 17.46 -19.38 3.04
CA ASN B 530 18.38 -18.31 3.46
C ASN B 530 19.80 -18.82 3.57
N LEU B 531 19.96 -20.03 4.13
CA LEU B 531 21.27 -20.64 4.26
C LEU B 531 21.93 -20.76 2.90
N ALA B 532 21.19 -21.26 1.93
CA ALA B 532 21.75 -21.45 0.60
C ALA B 532 22.13 -20.11 -0.03
N VAL B 533 21.29 -19.10 0.13
CA VAL B 533 21.60 -17.79 -0.45
C VAL B 533 22.91 -17.27 0.09
N SER B 534 23.09 -17.32 1.41
CA SER B 534 24.34 -16.79 1.96
C SER B 534 25.53 -17.68 1.64
N SER B 535 25.33 -19.00 1.54
CA SER B 535 26.40 -19.88 1.08
C SER B 535 26.88 -19.46 -0.30
N MET B 536 25.95 -19.31 -1.25
CA MET B 536 26.28 -18.75 -2.56
C MET B 536 27.00 -17.43 -2.44
N ASN B 537 26.59 -16.61 -1.48
CA ASN B 537 27.27 -15.33 -1.29
C ASN B 537 28.73 -15.52 -0.91
N ILE B 538 29.05 -16.61 -0.23
CA ILE B 538 30.41 -16.80 0.24
C ILE B 538 31.07 -17.99 -0.45
N GLY B 539 30.83 -18.13 -1.75
CA GLY B 539 31.64 -18.99 -2.56
C GLY B 539 31.38 -20.48 -2.36
N CYS B 540 30.72 -20.85 -1.28
CA CYS B 540 30.28 -22.23 -1.12
C CYS B 540 29.16 -22.49 -2.12
N PHE B 541 29.43 -23.32 -3.12
CA PHE B 541 28.49 -23.56 -4.22
C PHE B 541 27.94 -24.97 -4.27
N LYS B 542 28.74 -25.98 -3.96
CA LYS B 542 28.22 -27.34 -3.92
C LYS B 542 27.21 -27.50 -2.81
N GLU B 543 27.52 -26.96 -1.63
CA GLU B 543 26.57 -27.00 -0.53
C GLU B 543 25.29 -26.25 -0.90
N ALA B 544 25.44 -25.13 -1.62
CA ALA B 544 24.27 -24.34 -1.94
C ALA B 544 23.38 -25.06 -2.95
N ALA B 545 23.98 -25.69 -3.96
CA ALA B 545 23.17 -26.49 -4.88
C ALA B 545 22.51 -27.65 -4.15
N GLY B 546 23.21 -28.25 -3.19
CA GLY B 546 22.58 -29.28 -2.38
C GLY B 546 21.39 -28.74 -1.61
N TYR B 547 21.51 -27.52 -1.08
CA TYR B 547 20.44 -26.93 -0.31
C TYR B 547 19.25 -26.58 -1.19
N LEU B 548 19.50 -26.09 -2.40
CA LEU B 548 18.39 -25.80 -3.30
C LEU B 548 17.72 -27.08 -3.80
N LEU B 549 18.49 -28.14 -4.02
CA LEU B 549 17.86 -29.41 -4.32
C LEU B 549 17.01 -29.88 -3.15
N SER B 550 17.51 -29.69 -1.93
CA SER B 550 16.74 -30.07 -0.75
C SER B 550 15.47 -29.25 -0.64
N VAL B 551 15.52 -27.97 -0.98
CA VAL B 551 14.33 -27.14 -0.90
C VAL B 551 13.31 -27.55 -1.96
N LEU B 552 13.78 -27.74 -3.19
CA LEU B 552 12.88 -28.22 -4.24
C LEU B 552 12.37 -29.61 -3.94
N SER B 553 13.04 -30.36 -3.08
CA SER B 553 12.57 -31.68 -2.69
C SER B 553 11.65 -31.63 -1.48
N MET B 554 11.77 -30.58 -0.67
CA MET B 554 10.82 -30.40 0.44
C MET B 554 9.54 -29.76 -0.04
N HIS B 555 9.58 -29.03 -1.15
CA HIS B 555 8.35 -28.53 -1.74
C HIS B 555 7.63 -29.63 -2.50
N GLU B 556 8.38 -30.47 -3.20
CA GLU B 556 7.82 -31.53 -4.04
C GLU B 556 7.76 -32.82 -3.24
N VAL B 557 6.75 -32.91 -2.38
CA VAL B 557 6.54 -34.12 -1.58
C VAL B 557 5.14 -34.68 -1.72
N ASN B 558 4.17 -33.95 -2.24
CA ASN B 558 2.85 -34.52 -2.48
C ASN B 558 2.93 -35.64 -3.51
N THR B 559 2.10 -36.65 -3.32
CA THR B 559 2.11 -37.83 -4.19
C THR B 559 0.71 -38.12 -4.72
N ASP B 575 7.01 -25.50 -8.48
CA ASP B 575 7.31 -24.88 -7.19
C ASP B 575 7.97 -23.52 -7.39
N THR B 576 8.43 -22.93 -6.30
CA THR B 576 8.92 -21.55 -6.33
C THR B 576 10.30 -21.49 -6.96
N VAL B 577 10.95 -20.34 -6.82
CA VAL B 577 12.02 -19.89 -7.71
C VAL B 577 13.11 -20.94 -7.91
N ILE B 578 13.26 -21.38 -9.16
CA ILE B 578 14.34 -22.27 -9.57
C ILE B 578 15.52 -21.48 -10.09
N GLU B 579 15.31 -20.22 -10.48
CA GLU B 579 16.36 -19.43 -11.10
C GLU B 579 17.62 -19.41 -10.26
N THR B 580 17.46 -19.36 -8.94
CA THR B 580 18.62 -19.33 -8.05
C THR B 580 19.52 -20.56 -8.25
N LEU B 581 18.90 -21.70 -8.52
CA LEU B 581 19.67 -22.90 -8.85
C LEU B 581 20.45 -22.72 -10.13
N LYS B 582 19.82 -22.13 -11.14
CA LYS B 582 20.51 -21.83 -12.39
C LYS B 582 21.70 -20.91 -12.13
N ARG B 583 21.52 -19.93 -11.24
CA ARG B 583 22.60 -18.99 -10.94
C ARG B 583 23.76 -19.68 -10.24
N VAL B 584 23.46 -20.58 -9.29
CA VAL B 584 24.55 -21.23 -8.58
C VAL B 584 25.28 -22.19 -9.51
N PHE B 585 24.57 -22.78 -10.47
CA PHE B 585 25.27 -23.64 -11.43
C PHE B 585 26.08 -22.82 -12.41
N ILE B 586 25.60 -21.65 -12.80
CA ILE B 586 26.39 -20.79 -13.70
C ILE B 586 27.60 -20.23 -12.98
N ALA B 587 27.54 -20.10 -11.65
CA ALA B 587 28.69 -19.62 -10.90
C ALA B 587 29.90 -20.52 -11.09
N MET B 588 29.73 -21.82 -10.82
CA MET B 588 30.81 -22.76 -11.08
C MET B 588 30.82 -23.27 -12.53
N ASN B 589 29.75 -23.02 -13.29
CA ASN B 589 29.71 -23.28 -14.74
C ASN B 589 29.92 -24.75 -15.07
N ARG B 590 28.98 -25.58 -14.61
CA ARG B 590 28.91 -26.99 -14.99
C ARG B 590 27.72 -27.15 -15.93
N ASP B 591 28.00 -27.27 -17.22
CA ASP B 591 26.93 -27.35 -18.21
C ASP B 591 26.08 -28.61 -18.03
N ASP B 592 26.71 -29.70 -17.57
CA ASP B 592 26.01 -30.97 -17.40
C ASP B 592 24.78 -30.81 -16.52
N LEU B 593 24.85 -29.93 -15.52
CA LEU B 593 23.71 -29.62 -14.70
C LEU B 593 23.13 -28.25 -15.00
N LEU B 594 23.91 -27.36 -15.59
CA LEU B 594 23.40 -26.05 -15.98
C LEU B 594 22.25 -26.17 -16.96
N GLN B 595 22.42 -27.00 -17.99
CA GLN B 595 21.47 -27.09 -19.09
C GLN B 595 20.30 -28.00 -18.81
N GLU B 596 20.22 -28.60 -17.62
CA GLU B 596 19.15 -29.52 -17.28
C GLU B 596 18.09 -28.88 -16.38
N VAL B 597 17.84 -27.57 -16.57
CA VAL B 597 16.84 -26.88 -15.77
C VAL B 597 15.45 -27.38 -16.16
N LYS B 598 14.65 -27.76 -15.17
CA LYS B 598 13.30 -28.24 -15.45
C LYS B 598 12.46 -28.24 -14.19
N PRO B 599 11.26 -27.66 -14.23
CA PRO B 599 10.28 -27.87 -13.16
C PRO B 599 9.51 -29.19 -13.27
N GLY B 600 9.90 -30.06 -14.19
CA GLY B 600 9.33 -31.39 -14.28
C GLY B 600 10.41 -32.45 -14.36
N MET B 601 11.49 -32.28 -13.59
CA MET B 601 12.63 -33.20 -13.65
C MET B 601 12.84 -33.88 -12.31
N ASP B 602 13.94 -34.61 -12.17
CA ASP B 602 14.30 -35.33 -10.96
C ASP B 602 15.37 -34.55 -10.21
N LEU B 603 15.46 -34.79 -8.91
CA LEU B 603 16.44 -34.11 -8.07
C LEU B 603 17.63 -35.00 -7.76
N LYS B 604 17.40 -36.30 -7.53
CA LYS B 604 18.52 -37.23 -7.37
C LYS B 604 19.21 -37.48 -8.70
N ARG B 605 18.52 -37.23 -9.81
CA ARG B 605 19.19 -37.18 -11.11
C ARG B 605 20.34 -36.19 -11.07
N PHE B 606 20.22 -35.14 -10.26
CA PHE B 606 21.31 -34.22 -10.01
C PHE B 606 22.27 -34.84 -9.02
N LYS B 607 22.85 -35.99 -9.36
CA LYS B 607 23.83 -36.62 -8.50
C LYS B 607 25.16 -35.89 -8.65
N GLY B 608 26.19 -36.37 -7.97
CA GLY B 608 27.48 -35.71 -7.98
C GLY B 608 27.57 -34.62 -6.94
N GLU B 609 28.21 -33.52 -7.34
CA GLU B 609 28.40 -32.38 -6.45
C GLU B 609 27.06 -31.76 -6.07
N PHE B 610 26.09 -31.82 -6.97
CA PHE B 610 24.76 -31.32 -6.68
C PHE B 610 24.06 -32.25 -5.71
N SER B 611 24.41 -33.53 -5.73
CA SER B 611 23.73 -34.53 -4.90
C SER B 611 23.77 -34.15 -3.42
N PHE B 612 22.78 -34.64 -2.67
CA PHE B 612 22.58 -34.31 -1.27
C PHE B 612 23.81 -34.67 -0.42
#